data_7PB4
#
_entry.id   7PB4
#
_cell.length_a   44.625
_cell.length_b   56.119
_cell.length_c   176.704
_cell.angle_alpha   90.000
_cell.angle_beta   90.000
_cell.angle_gamma   90.000
#
_symmetry.space_group_name_H-M   'P 21 21 21'
#
loop_
_entity.id
_entity.type
_entity.pdbx_description
1 polymer 'Centromere protein H'
2 polymer 'Centromere protein I'
3 polymer 'Centromere protein K'
#
loop_
_entity_poly.entity_id
_entity_poly.type
_entity_poly.pdbx_seq_one_letter_code
_entity_poly.pdbx_strand_id
1 'polypeptide(L)' RQNLQMEIKITTVIQHVFQNLILGSKVNWAEDPALKEIVLQLEKNVDMM H
2 'polypeptide(L)'
;MDALQMAVGYFEKGPIKASQNKDKTLEKHLKTVENVAWKNGLASEEIDILLNIALSGKFGNAVNTRILKCMIPATVISED
SVVKAVSWLCVGKCSGSTKVLFYRWLVAMFDFIDRKEQINLLYGFFFASLQDDALCPYVCHLLYLLTKKENVKPFRVRKL
LDLQAKMGMQPHLQALLSLYKFFAPALISVSLPVRKKIYFKNSENLWKTALLAVKQRNRSPLEVQFG
;
I
3 'polypeptide(L)'
;KMLNIKEYKEKLLSTLGEFLEDHFPLPDRSVKKKKKNIQESSVNLITLHEMLEILINRLFDVPHDPYVKISDSFWPPYVE
LLLRNGIALRHPEDPTRIRLEAFHQ
;
K
#
# COMPACT_ATOMS: atom_id res chain seq x y z
N GLN A 2 -0.33 31.76 -14.44
CA GLN A 2 -1.34 30.84 -13.92
C GLN A 2 -0.99 29.39 -14.22
N ASN A 3 0.13 29.18 -14.92
CA ASN A 3 0.43 27.84 -15.41
C ASN A 3 1.01 26.94 -14.33
N LEU A 4 1.98 27.43 -13.56
CA LEU A 4 2.76 26.55 -12.69
C LEU A 4 1.91 26.00 -11.55
N GLN A 5 1.13 26.84 -10.89
CA GLN A 5 0.36 26.39 -9.73
C GLN A 5 -0.71 25.39 -10.14
N MET A 6 -1.44 25.68 -11.22
CA MET A 6 -2.46 24.75 -11.69
C MET A 6 -1.83 23.47 -12.22
N GLU A 7 -0.63 23.54 -12.79
CA GLU A 7 0.05 22.31 -13.22
C GLU A 7 0.49 21.48 -12.02
N ILE A 8 0.88 22.13 -10.93
CA ILE A 8 1.19 21.42 -9.69
C ILE A 8 -0.05 20.68 -9.19
N LYS A 9 -1.19 21.39 -9.17
CA LYS A 9 -2.44 20.76 -8.74
C LYS A 9 -2.80 19.58 -9.64
N ILE A 10 -2.67 19.76 -10.96
CA ILE A 10 -3.00 18.70 -11.90
C ILE A 10 -2.08 17.50 -11.71
N THR A 11 -0.79 17.75 -11.44
CA THR A 11 0.14 16.65 -11.24
C THR A 11 -0.18 15.88 -9.96
N THR A 12 -0.60 16.59 -8.90
CA THR A 12 -1.04 15.91 -7.69
C THR A 12 -2.26 15.04 -7.96
N VAL A 13 -3.23 15.58 -8.71
CA VAL A 13 -4.42 14.82 -9.05
C VAL A 13 -4.04 13.57 -9.85
N ILE A 14 -3.09 13.71 -10.78
CA ILE A 14 -2.68 12.57 -11.60
C ILE A 14 -1.98 11.53 -10.75
N GLN A 15 -1.13 11.97 -9.82
CA GLN A 15 -0.51 11.04 -8.88
C GLN A 15 -1.56 10.21 -8.15
N HIS A 16 -2.55 10.88 -7.57
CA HIS A 16 -3.55 10.18 -6.79
C HIS A 16 -4.38 9.24 -7.65
N VAL A 17 -4.75 9.69 -8.87
CA VAL A 17 -5.54 8.85 -9.76
C VAL A 17 -4.76 7.61 -10.17
N PHE A 18 -3.48 7.78 -10.51
CA PHE A 18 -2.65 6.64 -10.87
C PHE A 18 -2.53 5.66 -9.71
N GLN A 19 -2.32 6.17 -8.49
CA GLN A 19 -2.19 5.28 -7.34
C GLN A 19 -3.47 4.51 -7.08
N ASN A 20 -4.62 5.20 -7.15
CA ASN A 20 -5.90 4.52 -6.90
C ASN A 20 -6.20 3.50 -7.99
N LEU A 21 -5.84 3.79 -9.24
CA LEU A 21 -6.05 2.82 -10.31
C LEU A 21 -5.15 1.59 -10.14
N ILE A 22 -3.90 1.80 -9.76
CA ILE A 22 -3.00 0.68 -9.50
C ILE A 22 -3.53 -0.17 -8.35
N LEU A 23 -4.09 0.47 -7.33
CA LEU A 23 -4.67 -0.29 -6.22
C LEU A 23 -5.91 -1.05 -6.64
N GLY A 24 -6.76 -0.44 -7.47
CA GLY A 24 -7.97 -1.11 -7.90
C GLY A 24 -7.73 -2.24 -8.88
N SER A 25 -6.63 -2.17 -9.64
CA SER A 25 -6.34 -3.22 -10.60
C SER A 25 -5.82 -4.49 -9.94
N LYS A 26 -5.37 -4.40 -8.69
CA LYS A 26 -4.84 -5.55 -7.94
C LYS A 26 -3.68 -6.20 -8.68
N VAL A 27 -2.83 -5.38 -9.30
CA VAL A 27 -1.70 -5.87 -10.07
C VAL A 27 -0.49 -5.97 -9.16
N ASN A 28 0.22 -7.10 -9.25
CA ASN A 28 1.49 -7.28 -8.54
C ASN A 28 2.53 -6.39 -9.20
N TRP A 29 2.48 -5.10 -8.87
CA TRP A 29 3.30 -4.11 -9.56
C TRP A 29 4.79 -4.30 -9.32
N ALA A 30 5.18 -5.04 -8.29
CA ALA A 30 6.60 -5.32 -8.10
C ALA A 30 7.15 -6.27 -9.15
N GLU A 31 6.29 -7.07 -9.78
CA GLU A 31 6.74 -7.97 -10.83
C GLU A 31 7.06 -7.22 -12.11
N ASP A 32 6.32 -6.14 -12.40
CA ASP A 32 6.60 -5.30 -13.56
C ASP A 32 7.67 -4.29 -13.19
N PRO A 33 8.86 -4.36 -13.80
CA PRO A 33 9.94 -3.44 -13.40
C PRO A 33 9.60 -1.97 -13.61
N ALA A 34 9.03 -1.62 -14.76
CA ALA A 34 8.65 -0.23 -15.02
C ALA A 34 7.58 0.23 -14.04
N LEU A 35 6.55 -0.60 -13.85
CA LEU A 35 5.50 -0.27 -12.90
C LEU A 35 6.07 -0.11 -11.49
N LYS A 36 7.06 -0.92 -11.13
CA LYS A 36 7.66 -0.83 -9.81
C LYS A 36 8.43 0.47 -9.64
N GLU A 37 9.24 0.84 -10.64
CA GLU A 37 10.01 2.07 -10.54
C GLU A 37 9.14 3.31 -10.68
N ILE A 38 7.93 3.18 -11.22
CA ILE A 38 7.00 4.30 -11.30
C ILE A 38 6.17 4.44 -10.03
N VAL A 39 5.81 3.32 -9.41
CA VAL A 39 5.09 3.37 -8.14
C VAL A 39 5.91 4.12 -7.10
N LEU A 40 7.23 3.89 -7.09
CA LEU A 40 8.12 4.63 -6.19
C LEU A 40 8.29 6.09 -6.60
N GLN A 41 7.92 6.45 -7.83
CA GLN A 41 7.94 7.86 -8.22
C GLN A 41 6.77 8.62 -7.60
N LEU A 42 5.67 7.94 -7.31
CA LEU A 42 4.56 8.56 -6.63
C LEU A 42 4.96 8.94 -5.19
N GLU A 43 4.06 9.63 -4.51
CA GLU A 43 4.32 10.16 -3.16
C GLU A 43 5.52 11.12 -3.19
N LYS A 44 5.56 11.96 -4.21
CA LYS A 44 6.53 13.05 -4.30
C LYS A 44 5.76 14.37 -4.27
N ASN A 45 6.12 15.24 -3.32
CA ASN A 45 5.48 16.55 -3.23
C ASN A 45 5.85 17.36 -4.46
N VAL A 46 4.84 17.67 -5.28
CA VAL A 46 5.08 18.40 -6.53
C VAL A 46 5.62 19.80 -6.24
N ASP A 47 5.21 20.41 -5.14
CA ASP A 47 5.66 21.74 -4.79
C ASP A 47 7.01 21.69 -4.07
N MET A 48 7.97 20.97 -4.65
CA MET A 48 9.30 20.86 -4.08
C MET A 48 10.36 20.91 -5.19
N MET B 1 23.33 -29.21 0.18
CA MET B 1 22.46 -28.22 0.79
C MET B 1 22.86 -27.96 2.24
N ASP B 2 21.86 -27.62 3.05
CA ASP B 2 22.07 -27.36 4.47
C ASP B 2 20.65 -27.62 4.94
N ALA B 3 20.41 -27.75 6.24
CA ALA B 3 19.08 -28.10 6.73
C ALA B 3 17.98 -27.09 6.37
N LEU B 4 18.28 -25.81 6.49
CA LEU B 4 17.29 -24.77 6.23
C LEU B 4 17.02 -24.56 4.75
N GLN B 5 18.07 -24.56 3.93
CA GLN B 5 17.95 -24.35 2.50
C GLN B 5 17.06 -25.41 1.84
N MET B 6 17.08 -26.64 2.35
CA MET B 6 16.15 -27.65 1.86
C MET B 6 14.70 -27.20 2.08
N ALA B 7 14.40 -26.66 3.26
CA ALA B 7 13.05 -26.19 3.53
C ALA B 7 12.69 -24.98 2.68
N VAL B 8 13.65 -24.07 2.47
CA VAL B 8 13.39 -22.90 1.63
C VAL B 8 13.08 -23.34 0.21
N GLY B 9 13.84 -24.30 -0.32
CA GLY B 9 13.54 -24.82 -1.64
C GLY B 9 12.19 -25.53 -1.70
N TYR B 10 11.87 -26.30 -0.66
CA TYR B 10 10.58 -26.98 -0.61
C TYR B 10 9.43 -25.99 -0.64
N PHE B 11 9.57 -24.87 0.08
CA PHE B 11 8.53 -23.84 0.05
C PHE B 11 8.53 -23.06 -1.25
N GLU B 12 9.69 -22.95 -1.91
CA GLU B 12 9.72 -22.30 -3.22
C GLU B 12 9.07 -23.15 -4.30
N LYS B 13 9.07 -24.47 -4.13
CA LYS B 13 8.41 -25.35 -5.08
C LYS B 13 6.89 -25.22 -5.04
N GLY B 14 6.34 -24.57 -4.02
CA GLY B 14 4.90 -24.43 -3.90
C GLY B 14 4.25 -25.69 -3.39
N PRO B 15 2.92 -25.66 -3.23
CA PRO B 15 2.21 -26.86 -2.79
C PRO B 15 2.33 -27.98 -3.80
N ILE B 16 2.32 -29.22 -3.29
CA ILE B 16 2.54 -30.40 -4.14
C ILE B 16 1.25 -31.20 -4.26
N LYS B 17 1.39 -32.51 -4.48
CA LYS B 17 0.25 -33.37 -4.79
C LYS B 17 -0.55 -33.67 -3.53
N ALA B 18 -1.43 -34.67 -3.62
CA ALA B 18 -2.24 -35.08 -2.49
C ALA B 18 -1.38 -35.74 -1.42
N SER B 19 -1.77 -35.53 -0.16
CA SER B 19 -0.94 -35.93 0.97
C SER B 19 -1.02 -37.43 1.21
N GLN B 20 0.09 -38.13 1.00
CA GLN B 20 0.30 -39.47 1.52
C GLN B 20 1.26 -39.46 2.71
N ASN B 21 2.41 -38.80 2.55
CA ASN B 21 3.30 -38.48 3.67
C ASN B 21 3.72 -37.02 3.60
N LYS B 22 3.02 -36.21 2.80
CA LYS B 22 3.40 -34.83 2.54
C LYS B 22 3.10 -33.91 3.71
N ASP B 23 2.09 -34.24 4.53
CA ASP B 23 1.83 -33.45 5.72
C ASP B 23 3.03 -33.48 6.66
N LYS B 24 3.59 -34.68 6.88
CA LYS B 24 4.77 -34.80 7.74
C LYS B 24 5.97 -34.07 7.14
N THR B 25 6.11 -34.11 5.81
CA THR B 25 7.24 -33.42 5.18
C THR B 25 7.13 -31.91 5.34
N LEU B 26 5.94 -31.36 5.07
CA LEU B 26 5.72 -29.93 5.28
C LEU B 26 5.95 -29.55 6.73
N GLU B 27 5.48 -30.39 7.67
CA GLU B 27 5.67 -30.11 9.08
C GLU B 27 7.15 -30.11 9.45
N LYS B 28 7.92 -31.07 8.91
CA LYS B 28 9.35 -31.12 9.20
C LYS B 28 10.06 -29.88 8.67
N HIS B 29 9.75 -29.47 7.45
CA HIS B 29 10.39 -28.28 6.89
C HIS B 29 10.03 -27.03 7.68
N LEU B 30 8.75 -26.88 8.03
CA LEU B 30 8.33 -25.71 8.79
C LEU B 30 8.94 -25.71 10.19
N LYS B 31 9.07 -26.89 10.81
CA LYS B 31 9.69 -26.98 12.12
C LYS B 31 11.16 -26.63 12.06
N THR B 32 11.86 -27.06 11.01
CA THR B 32 13.25 -26.68 10.84
C THR B 32 13.38 -25.16 10.68
N VAL B 33 12.57 -24.52 9.87
CA VAL B 33 12.63 -23.08 9.74
C VAL B 33 12.46 -22.37 11.06
N GLU B 34 11.39 -22.69 11.78
CA GLU B 34 11.11 -21.98 13.04
C GLU B 34 12.19 -22.26 14.08
N ASN B 35 12.73 -23.47 14.11
CA ASN B 35 13.81 -23.75 15.01
C ASN B 35 15.00 -22.89 14.72
N VAL B 36 15.36 -22.77 13.46
CA VAL B 36 16.46 -21.87 13.13
C VAL B 36 16.10 -20.43 13.43
N ALA B 37 14.82 -20.06 13.22
CA ALA B 37 14.41 -18.69 13.44
C ALA B 37 14.40 -18.33 14.92
N TRP B 38 13.94 -19.24 15.77
CA TRP B 38 13.85 -18.99 17.19
C TRP B 38 15.15 -19.27 17.93
N LYS B 39 16.13 -19.90 17.28
CA LYS B 39 17.43 -20.09 17.92
C LYS B 39 18.34 -18.88 17.71
N ASN B 40 18.69 -18.60 16.45
CA ASN B 40 19.59 -17.50 16.13
C ASN B 40 19.07 -16.54 15.06
N GLY B 41 17.98 -16.86 14.39
CA GLY B 41 17.40 -15.96 13.41
C GLY B 41 17.68 -16.38 11.98
N LEU B 42 17.00 -15.71 11.06
CA LEU B 42 17.11 -15.98 9.64
C LEU B 42 17.87 -14.86 8.94
N ALA B 43 18.47 -15.21 7.79
CA ALA B 43 19.19 -14.24 6.99
C ALA B 43 18.21 -13.39 6.17
N SER B 44 18.73 -12.34 5.54
CA SER B 44 17.86 -11.45 4.77
C SER B 44 17.27 -12.17 3.57
N GLU B 45 18.08 -12.95 2.87
CA GLU B 45 17.63 -13.64 1.67
C GLU B 45 16.51 -14.62 1.98
N GLU B 46 16.67 -15.42 3.02
CA GLU B 46 15.67 -16.43 3.36
C GLU B 46 14.38 -15.74 3.74
N ILE B 47 14.48 -14.64 4.47
CA ILE B 47 13.31 -13.87 4.85
C ILE B 47 12.63 -13.29 3.62
N ASP B 48 13.43 -12.69 2.72
CA ASP B 48 12.88 -12.17 1.47
C ASP B 48 12.11 -13.23 0.71
N ILE B 49 12.57 -14.48 0.78
CA ILE B 49 11.87 -15.57 0.10
C ILE B 49 10.59 -15.94 0.84
N LEU B 50 10.72 -16.28 2.13
CA LEU B 50 9.61 -16.89 2.86
C LEU B 50 8.49 -15.91 3.15
N LEU B 51 8.81 -14.64 3.44
CA LEU B 51 7.78 -13.65 3.67
C LEU B 51 6.88 -13.49 2.45
N ASN B 52 7.47 -13.36 1.27
CA ASN B 52 6.69 -13.20 0.05
C ASN B 52 6.00 -14.50 -0.36
N ILE B 53 6.57 -15.65 0.01
CA ILE B 53 5.87 -16.91 -0.22
C ILE B 53 4.61 -16.97 0.65
N ALA B 54 4.72 -16.56 1.91
CA ALA B 54 3.58 -16.61 2.81
C ALA B 54 2.51 -15.61 2.41
N LEU B 55 2.91 -14.41 1.99
CA LEU B 55 1.94 -13.39 1.59
C LEU B 55 1.33 -13.65 0.22
N SER B 56 1.78 -14.69 -0.49
CA SER B 56 1.18 -15.06 -1.76
C SER B 56 0.02 -16.02 -1.53
N GLY B 57 -0.67 -16.38 -2.61
CA GLY B 57 -1.78 -17.30 -2.50
C GLY B 57 -1.39 -18.75 -2.28
N LYS B 58 -0.11 -19.08 -2.47
CA LYS B 58 0.36 -20.44 -2.27
C LYS B 58 0.28 -20.83 -0.80
N PHE B 59 0.01 -22.11 -0.57
CA PHE B 59 -0.11 -22.70 0.77
C PHE B 59 -1.31 -22.17 1.54
N GLY B 60 -1.78 -22.93 2.52
CA GLY B 60 -2.95 -22.57 3.29
C GLY B 60 -2.67 -21.46 4.28
N ASN B 61 -3.70 -21.18 5.09
CA ASN B 61 -3.59 -20.08 6.06
C ASN B 61 -2.70 -20.44 7.24
N ALA B 62 -2.70 -21.71 7.66
CA ALA B 62 -1.87 -22.11 8.78
C ALA B 62 -0.39 -22.02 8.44
N VAL B 63 -0.01 -22.46 7.24
CA VAL B 63 1.39 -22.40 6.83
C VAL B 63 1.85 -20.94 6.77
N ASN B 64 1.04 -20.07 6.17
CA ASN B 64 1.40 -18.66 6.08
C ASN B 64 1.48 -18.02 7.46
N THR B 65 0.56 -18.38 8.35
CA THR B 65 0.58 -17.85 9.71
C THR B 65 1.86 -18.25 10.44
N ARG B 66 2.24 -19.52 10.34
CA ARG B 66 3.45 -19.97 11.02
C ARG B 66 4.69 -19.34 10.42
N ILE B 67 4.73 -19.20 9.09
CA ILE B 67 5.86 -18.55 8.43
C ILE B 67 6.00 -17.12 8.93
N LEU B 68 4.88 -16.39 8.97
CA LEU B 68 4.91 -15.01 9.48
C LEU B 68 5.38 -14.96 10.92
N LYS B 69 4.87 -15.88 11.76
CA LYS B 69 5.26 -15.91 13.16
C LYS B 69 6.68 -16.38 13.38
N CYS B 70 7.36 -16.88 12.35
CA CYS B 70 8.77 -17.23 12.44
C CYS B 70 9.65 -16.38 11.54
N MET B 71 9.20 -15.19 11.16
CA MET B 71 10.01 -14.27 10.35
C MET B 71 10.81 -13.36 11.28
N ILE B 72 11.90 -13.92 11.81
CA ILE B 72 12.73 -13.24 12.79
C ILE B 72 14.13 -13.06 12.18
N PRO B 73 14.60 -11.85 11.98
CA PRO B 73 15.90 -11.65 11.32
C PRO B 73 17.07 -11.89 12.25
N ALA B 74 18.13 -12.47 11.70
CA ALA B 74 19.37 -12.64 12.42
C ALA B 74 20.25 -11.39 12.37
N THR B 75 19.97 -10.47 11.46
CA THR B 75 20.72 -9.22 11.38
C THR B 75 19.82 -8.06 10.98
N VAL B 76 19.39 -8.02 9.71
CA VAL B 76 18.55 -6.94 9.20
C VAL B 76 17.54 -7.53 8.23
N ILE B 77 16.63 -6.67 7.76
CA ILE B 77 15.62 -7.02 6.78
C ILE B 77 15.74 -6.08 5.59
N SER B 78 15.75 -6.64 4.39
CA SER B 78 15.86 -5.83 3.18
C SER B 78 14.56 -5.11 2.90
N GLU B 79 14.67 -3.82 2.53
CA GLU B 79 13.47 -3.04 2.26
C GLU B 79 12.78 -3.47 0.96
N ASP B 80 13.54 -4.04 0.02
CA ASP B 80 12.94 -4.55 -1.20
C ASP B 80 12.00 -5.72 -0.91
N SER B 81 12.33 -6.54 0.09
CA SER B 81 11.41 -7.58 0.53
C SER B 81 10.11 -6.99 1.04
N VAL B 82 10.19 -5.88 1.78
CA VAL B 82 8.99 -5.23 2.28
C VAL B 82 8.20 -4.62 1.13
N VAL B 83 8.88 -4.10 0.11
CA VAL B 83 8.18 -3.55 -1.05
C VAL B 83 7.42 -4.65 -1.77
N LYS B 84 8.07 -5.79 -2.00
CA LYS B 84 7.39 -6.92 -2.62
C LYS B 84 6.25 -7.44 -1.76
N ALA B 85 6.41 -7.36 -0.44
CA ALA B 85 5.33 -7.76 0.46
C ALA B 85 4.13 -6.83 0.35
N VAL B 86 4.38 -5.53 0.24
CA VAL B 86 3.28 -4.59 0.04
C VAL B 86 2.60 -4.83 -1.30
N SER B 87 3.38 -5.17 -2.33
CA SER B 87 2.79 -5.52 -3.61
C SER B 87 1.92 -6.76 -3.50
N TRP B 88 2.39 -7.78 -2.77
CA TRP B 88 1.59 -8.98 -2.56
C TRP B 88 0.30 -8.67 -1.82
N LEU B 89 0.36 -7.75 -0.84
CA LEU B 89 -0.85 -7.30 -0.18
C LEU B 89 -1.79 -6.63 -1.17
N CYS B 90 -1.24 -5.84 -2.10
CA CYS B 90 -2.06 -5.19 -3.12
C CYS B 90 -2.69 -6.20 -4.07
N VAL B 91 -2.07 -7.38 -4.22
CA VAL B 91 -2.63 -8.40 -5.10
C VAL B 91 -4.03 -8.79 -4.65
N GLY B 92 -4.21 -9.01 -3.35
CA GLY B 92 -5.51 -9.25 -2.78
C GLY B 92 -5.81 -10.71 -2.45
N LYS B 93 -4.95 -11.65 -2.83
CA LYS B 93 -5.25 -13.06 -2.62
C LYS B 93 -4.72 -13.49 -1.26
N CYS B 94 -4.64 -12.54 -0.35
CA CYS B 94 -4.11 -12.73 0.99
C CYS B 94 -5.26 -12.70 2.01
N SER B 95 -5.10 -13.50 3.06
CA SER B 95 -6.11 -13.59 4.09
C SER B 95 -6.09 -12.35 4.98
N GLY B 96 -7.26 -12.03 5.54
CA GLY B 96 -7.34 -10.86 6.41
C GLY B 96 -6.54 -11.00 7.67
N SER B 97 -6.62 -12.16 8.32
CA SER B 97 -5.79 -12.43 9.49
C SER B 97 -4.31 -12.38 9.11
N THR B 98 -3.97 -12.84 7.91
CA THR B 98 -2.59 -12.75 7.44
C THR B 98 -2.16 -11.30 7.27
N LYS B 99 -3.07 -10.45 6.78
CA LYS B 99 -2.74 -9.03 6.64
C LYS B 99 -2.54 -8.37 8.00
N VAL B 100 -3.41 -8.70 8.97
CA VAL B 100 -3.24 -8.17 10.33
C VAL B 100 -1.91 -8.61 10.91
N LEU B 101 -1.56 -9.89 10.73
CA LEU B 101 -0.31 -10.40 11.26
C LEU B 101 0.88 -9.75 10.58
N PHE B 102 0.77 -9.46 9.28
CA PHE B 102 1.87 -8.82 8.57
C PHE B 102 2.06 -7.37 9.03
N TYR B 103 0.97 -6.65 9.25
CA TYR B 103 1.11 -5.29 9.76
C TYR B 103 1.69 -5.30 11.18
N ARG B 104 1.27 -6.25 12.01
CA ARG B 104 1.86 -6.41 13.34
C ARG B 104 3.36 -6.69 13.22
N TRP B 105 3.75 -7.53 12.27
CA TRP B 105 5.16 -7.86 12.08
C TRP B 105 5.95 -6.65 11.60
N LEU B 106 5.38 -5.89 10.66
CA LEU B 106 6.04 -4.69 10.16
C LEU B 106 6.25 -3.67 11.27
N VAL B 107 5.26 -3.54 12.17
CA VAL B 107 5.43 -2.65 13.30
C VAL B 107 6.50 -3.17 14.25
N ALA B 108 6.49 -4.48 14.53
CA ALA B 108 7.44 -5.05 15.47
C ALA B 108 8.86 -5.07 14.91
N MET B 109 9.01 -5.29 13.61
CA MET B 109 10.32 -5.37 12.97
C MET B 109 10.71 -4.05 12.29
N PHE B 110 10.21 -2.93 12.80
CA PHE B 110 10.45 -1.66 12.13
C PHE B 110 11.92 -1.24 12.21
N ASP B 111 12.53 -1.38 13.39
CA ASP B 111 13.91 -0.96 13.59
C ASP B 111 14.93 -1.95 13.03
N PHE B 112 14.49 -3.03 12.38
CA PHE B 112 15.40 -4.00 11.81
C PHE B 112 15.41 -3.97 10.29
N ILE B 113 14.72 -3.02 9.68
CA ILE B 113 14.76 -2.81 8.24
C ILE B 113 15.92 -1.87 7.93
N ASP B 114 16.77 -2.26 6.98
CA ASP B 114 18.02 -1.52 6.75
C ASP B 114 17.72 -0.09 6.31
N ARG B 115 16.80 0.09 5.36
CA ARG B 115 16.39 1.40 4.90
C ARG B 115 14.88 1.47 4.87
N LYS B 116 14.35 2.68 5.12
CA LYS B 116 12.91 2.88 5.21
C LYS B 116 12.38 3.91 4.23
N GLU B 117 13.24 4.48 3.38
CA GLU B 117 12.79 5.52 2.45
C GLU B 117 11.88 4.94 1.37
N GLN B 118 12.28 3.82 0.78
CA GLN B 118 11.42 3.18 -0.22
C GLN B 118 10.13 2.67 0.41
N ILE B 119 10.16 2.32 1.69
CA ILE B 119 8.93 1.95 2.39
C ILE B 119 8.05 3.18 2.59
N ASN B 120 8.67 4.32 2.94
CA ASN B 120 7.91 5.56 3.08
C ASN B 120 7.31 5.98 1.74
N LEU B 121 7.93 5.58 0.63
CA LEU B 121 7.34 5.85 -0.68
C LEU B 121 6.00 5.14 -0.87
N LEU B 122 5.75 4.06 -0.12
CA LEU B 122 4.49 3.36 -0.15
C LEU B 122 3.48 3.89 0.86
N TYR B 123 3.64 5.16 1.28
CA TYR B 123 2.75 5.74 2.26
C TYR B 123 1.32 5.81 1.75
N GLY B 124 1.14 6.00 0.44
CA GLY B 124 -0.21 6.02 -0.11
C GLY B 124 -0.90 4.67 0.00
N PHE B 125 -0.18 3.60 -0.34
CA PHE B 125 -0.75 2.26 -0.19
C PHE B 125 -1.03 1.96 1.28
N PHE B 126 -0.17 2.40 2.19
CA PHE B 126 -0.43 2.19 3.60
C PHE B 126 -1.64 2.98 4.07
N PHE B 127 -1.79 4.22 3.61
CA PHE B 127 -2.88 5.08 4.05
C PHE B 127 -4.22 4.63 3.50
N ALA B 128 -4.25 4.11 2.27
CA ALA B 128 -5.50 3.66 1.69
C ALA B 128 -6.10 2.47 2.43
N SER B 129 -5.34 1.79 3.28
CA SER B 129 -5.84 0.69 4.08
C SER B 129 -6.56 1.14 5.34
N LEU B 130 -6.73 2.45 5.54
CA LEU B 130 -7.50 2.94 6.67
C LEU B 130 -9.00 2.74 6.48
N GLN B 131 -9.45 2.55 5.24
CA GLN B 131 -10.87 2.26 5.01
C GLN B 131 -11.28 0.95 5.66
N ASP B 132 -10.39 -0.05 5.64
CA ASP B 132 -10.66 -1.32 6.29
C ASP B 132 -10.61 -1.14 7.80
N ASP B 133 -11.72 -1.44 8.48
CA ASP B 133 -11.80 -1.26 9.92
C ASP B 133 -11.21 -2.44 10.69
N ALA B 134 -10.83 -3.51 10.01
CA ALA B 134 -10.09 -4.60 10.66
C ALA B 134 -8.60 -4.33 10.70
N LEU B 135 -8.08 -3.59 9.72
CA LEU B 135 -6.67 -3.19 9.68
C LEU B 135 -6.43 -1.80 10.25
N CYS B 136 -7.49 -1.07 10.60
CA CYS B 136 -7.34 0.34 10.96
C CYS B 136 -6.39 0.58 12.12
N PRO B 137 -6.50 -0.11 13.27
CA PRO B 137 -5.56 0.18 14.36
C PRO B 137 -4.11 -0.14 14.01
N TYR B 138 -3.88 -1.26 13.34
CA TYR B 138 -2.51 -1.65 12.99
C TYR B 138 -1.94 -0.72 11.93
N VAL B 139 -2.75 -0.33 10.95
CA VAL B 139 -2.29 0.62 9.95
C VAL B 139 -1.98 1.97 10.59
N CYS B 140 -2.79 2.38 11.56
CA CYS B 140 -2.50 3.62 12.28
C CYS B 140 -1.21 3.52 13.06
N HIS B 141 -0.96 2.38 13.71
CA HIS B 141 0.28 2.19 14.45
C HIS B 141 1.48 2.22 13.52
N LEU B 142 1.33 1.66 12.32
CA LEU B 142 2.43 1.69 11.35
C LEU B 142 2.68 3.11 10.84
N LEU B 143 1.61 3.83 10.50
CA LEU B 143 1.76 5.19 10.00
C LEU B 143 2.32 6.12 11.07
N TYR B 144 2.02 5.85 12.35
CA TYR B 144 2.59 6.66 13.41
C TYR B 144 4.12 6.57 13.43
N LEU B 145 4.67 5.42 13.06
CA LEU B 145 6.11 5.25 13.00
C LEU B 145 6.68 5.74 11.67
N LEU B 146 5.91 5.59 10.58
CA LEU B 146 6.42 5.87 9.25
C LEU B 146 6.28 7.34 8.83
N THR B 147 5.33 8.08 9.41
CA THR B 147 4.99 9.40 8.91
C THR B 147 6.15 10.38 9.09
N LYS B 148 6.51 11.04 8.00
CA LYS B 148 7.40 12.19 8.01
C LYS B 148 6.59 13.45 7.73
N LYS B 149 7.27 14.60 7.70
CA LYS B 149 6.58 15.85 7.44
C LYS B 149 6.09 15.93 6.00
N GLU B 150 6.80 15.30 5.07
CA GLU B 150 6.41 15.34 3.66
C GLU B 150 5.13 14.55 3.40
N ASN B 151 4.80 13.58 4.24
CA ASN B 151 3.65 12.73 4.01
C ASN B 151 2.34 13.36 4.48
N VAL B 152 2.39 14.44 5.24
CA VAL B 152 1.19 15.07 5.78
C VAL B 152 0.61 16.01 4.72
N LYS B 153 -0.14 15.45 3.77
CA LYS B 153 -0.79 16.16 2.67
C LYS B 153 -2.20 16.57 3.07
N PRO B 154 -2.72 17.66 2.48
CA PRO B 154 -4.06 18.13 2.88
C PRO B 154 -5.16 17.11 2.63
N PHE B 155 -5.10 16.38 1.51
CA PHE B 155 -6.11 15.36 1.23
C PHE B 155 -6.11 14.29 2.33
N ARG B 156 -4.94 13.88 2.78
CA ARG B 156 -4.86 12.86 3.82
C ARG B 156 -5.38 13.39 5.15
N VAL B 157 -5.11 14.65 5.47
CA VAL B 157 -5.64 15.25 6.69
C VAL B 157 -7.17 15.28 6.63
N ARG B 158 -7.73 15.68 5.48
CA ARG B 158 -9.18 15.73 5.33
C ARG B 158 -9.79 14.34 5.48
N LYS B 159 -9.19 13.35 4.81
CA LYS B 159 -9.73 11.99 4.89
C LYS B 159 -9.61 11.41 6.28
N LEU B 160 -8.52 11.73 6.99
CA LEU B 160 -8.36 11.24 8.35
C LEU B 160 -9.37 11.90 9.29
N LEU B 161 -9.67 13.18 9.07
CA LEU B 161 -10.70 13.84 9.87
C LEU B 161 -12.08 13.24 9.59
N ASP B 162 -12.36 12.91 8.33
CA ASP B 162 -13.63 12.27 8.01
C ASP B 162 -13.72 10.88 8.64
N LEU B 163 -12.61 10.15 8.65
CA LEU B 163 -12.59 8.83 9.29
C LEU B 163 -12.76 8.95 10.79
N GLN B 164 -12.20 9.99 11.39
CA GLN B 164 -12.40 10.24 12.81
C GLN B 164 -13.87 10.56 13.10
N ALA B 165 -14.51 11.34 12.23
CA ALA B 165 -15.92 11.64 12.41
C ALA B 165 -16.77 10.38 12.25
N LYS B 166 -16.36 9.46 11.38
CA LYS B 166 -17.14 8.24 11.16
C LYS B 166 -16.98 7.26 12.33
N MET B 167 -15.73 7.03 12.75
CA MET B 167 -15.45 6.02 13.78
C MET B 167 -15.45 6.59 15.19
N GLY B 168 -15.34 7.90 15.35
CA GLY B 168 -15.15 8.50 16.66
C GLY B 168 -13.68 8.66 16.99
N MET B 169 -13.43 9.36 18.10
CA MET B 169 -12.07 9.65 18.53
C MET B 169 -11.44 8.39 19.09
N GLN B 170 -11.02 7.51 18.18
CA GLN B 170 -10.34 6.29 18.58
C GLN B 170 -8.91 6.60 19.01
N PRO B 171 -8.34 5.79 19.91
CA PRO B 171 -6.97 6.09 20.39
C PRO B 171 -5.93 6.13 19.29
N HIS B 172 -5.92 5.13 18.40
CA HIS B 172 -4.94 5.11 17.32
C HIS B 172 -5.16 6.28 16.35
N LEU B 173 -6.42 6.55 16.00
CA LEU B 173 -6.73 7.70 15.17
C LEU B 173 -6.27 8.98 15.83
N GLN B 174 -6.47 9.11 17.14
CA GLN B 174 -6.07 10.33 17.84
C GLN B 174 -4.55 10.47 17.87
N ALA B 175 -3.83 9.36 18.02
CA ALA B 175 -2.37 9.43 18.00
C ALA B 175 -1.86 9.88 16.62
N LEU B 176 -2.37 9.25 15.56
CA LEU B 176 -1.97 9.65 14.22
C LEU B 176 -2.35 11.09 13.92
N LEU B 177 -3.51 11.53 14.42
CA LEU B 177 -3.95 12.90 14.18
C LEU B 177 -3.11 13.90 14.95
N SER B 178 -2.66 13.52 16.15
CA SER B 178 -1.76 14.38 16.90
C SER B 178 -0.42 14.50 16.20
N LEU B 179 0.06 13.42 15.61
CA LEU B 179 1.29 13.49 14.82
C LEU B 179 1.11 14.42 13.62
N TYR B 180 -0.02 14.29 12.92
CA TYR B 180 -0.30 15.17 11.79
C TYR B 180 -0.38 16.63 12.23
N LYS B 181 -0.97 16.88 13.40
CA LYS B 181 -1.03 18.25 13.92
C LYS B 181 0.36 18.78 14.24
N PHE B 182 1.22 17.94 14.81
CA PHE B 182 2.60 18.34 15.05
C PHE B 182 3.31 18.72 13.77
N PHE B 183 3.09 17.94 12.70
CA PHE B 183 3.80 18.20 11.46
C PHE B 183 3.21 19.38 10.68
N ALA B 184 1.88 19.52 10.68
CA ALA B 184 1.21 20.57 9.92
C ALA B 184 0.09 21.17 10.75
N PRO B 185 0.40 22.13 11.62
CA PRO B 185 -0.66 22.76 12.42
C PRO B 185 -1.59 23.64 11.62
N ALA B 186 -1.13 24.20 10.50
CA ALA B 186 -1.96 25.11 9.72
C ALA B 186 -3.08 24.37 8.98
N LEU B 187 -2.87 23.08 8.67
CA LEU B 187 -3.86 22.30 7.96
C LEU B 187 -4.92 21.71 8.89
N ILE B 188 -4.65 21.68 10.18
CA ILE B 188 -5.58 21.13 11.16
C ILE B 188 -5.05 21.27 12.58
N SER B 189 -5.96 21.41 13.53
CA SER B 189 -5.57 21.55 14.94
C SER B 189 -4.99 20.25 15.49
N VAL B 190 -5.86 19.35 15.94
CA VAL B 190 -5.42 18.07 16.49
C VAL B 190 -4.57 17.31 15.49
N LYS B 197 3.52 6.23 19.90
CA LYS B 197 3.16 7.61 20.24
C LYS B 197 1.76 7.61 20.97
N ILE B 198 1.54 6.55 21.70
CA ILE B 198 2.61 5.62 21.92
C ILE B 198 1.96 4.31 22.19
N TYR B 199 1.16 4.21 23.20
CA TYR B 199 0.53 2.93 23.41
C TYR B 199 -0.52 2.55 22.39
N PHE B 200 -0.39 1.38 21.84
CA PHE B 200 -1.42 0.91 20.93
C PHE B 200 -1.91 -0.46 21.39
N LYS B 201 -3.20 -0.72 21.21
CA LYS B 201 -3.75 -2.00 21.61
C LYS B 201 -3.34 -3.08 20.61
N ASN B 202 -3.23 -4.32 21.12
CA ASN B 202 -2.78 -5.46 20.34
C ASN B 202 -1.37 -5.25 19.76
N SER B 203 -0.54 -4.50 20.47
CA SER B 203 0.82 -4.22 20.03
C SER B 203 1.85 -5.10 20.74
N GLU B 204 1.41 -6.24 21.26
CA GLU B 204 2.35 -7.17 21.88
C GLU B 204 3.29 -7.76 20.83
N ASN B 205 4.57 -7.82 21.15
CA ASN B 205 5.58 -8.30 20.23
C ASN B 205 5.52 -9.83 20.20
N LEU B 206 4.89 -10.38 19.17
CA LEU B 206 4.77 -11.82 19.04
C LEU B 206 6.08 -12.49 18.66
N TRP B 207 7.04 -11.72 18.13
CA TRP B 207 8.28 -12.27 17.61
C TRP B 207 9.47 -12.03 18.54
N LYS B 208 9.21 -11.80 19.82
CA LYS B 208 10.27 -11.39 20.75
C LYS B 208 11.02 -12.61 21.26
N THR B 209 12.03 -13.02 20.50
CA THR B 209 12.98 -14.01 21.00
C THR B 209 14.02 -13.32 21.88
N ALA B 210 14.87 -14.13 22.51
CA ALA B 210 15.91 -13.56 23.37
C ALA B 210 16.98 -12.84 22.55
N LEU B 211 17.39 -13.45 21.43
CA LEU B 211 18.41 -12.80 20.60
C LEU B 211 17.87 -11.54 19.95
N LEU B 212 16.60 -11.56 19.53
CA LEU B 212 15.99 -10.33 19.03
C LEU B 212 15.93 -9.27 20.13
N ALA B 213 15.76 -9.69 21.38
CA ALA B 213 15.78 -8.75 22.50
C ALA B 213 17.17 -8.14 22.68
N VAL B 214 18.21 -8.95 22.63
CA VAL B 214 19.56 -8.40 22.80
C VAL B 214 19.92 -7.50 21.62
N LYS B 215 19.39 -7.79 20.43
CA LYS B 215 19.65 -6.91 19.29
C LYS B 215 18.86 -5.62 19.40
N GLN B 216 17.64 -5.67 19.95
CA GLN B 216 16.86 -4.46 20.15
C GLN B 216 17.49 -3.57 21.22
N ARG B 217 18.08 -4.18 22.25
CA ARG B 217 18.75 -3.40 23.28
C ARG B 217 20.11 -2.88 22.80
N ASN B 218 20.77 -3.60 21.89
CA ASN B 218 21.95 -3.06 21.24
C ASN B 218 21.59 -1.96 20.24
N ARG B 219 20.34 -1.91 19.80
CA ARG B 219 19.89 -0.87 18.89
C ARG B 219 19.77 0.49 19.55
N SER B 220 19.89 0.56 20.87
CA SER B 220 19.86 1.82 21.62
C SER B 220 21.25 2.11 22.15
N PRO B 221 22.09 2.85 21.40
CA PRO B 221 23.46 3.17 21.83
C PRO B 221 23.51 4.25 22.91
N LYS C 1 12.47 24.65 -11.61
CA LYS C 1 11.38 23.98 -10.91
C LYS C 1 10.24 23.66 -11.87
N MET C 2 9.92 24.60 -12.75
CA MET C 2 8.82 24.42 -13.69
C MET C 2 9.11 23.27 -14.65
N LEU C 3 10.32 23.23 -15.21
CA LEU C 3 10.65 22.20 -16.18
C LEU C 3 10.70 20.82 -15.52
N ASN C 4 11.18 20.75 -14.28
CA ASN C 4 11.16 19.48 -13.55
C ASN C 4 9.74 18.96 -13.40
N ILE C 5 8.82 19.85 -13.01
CA ILE C 5 7.43 19.44 -12.82
C ILE C 5 6.80 19.03 -14.14
N LYS C 6 7.20 19.67 -15.21
CA LYS C 6 6.68 19.32 -16.49
C LYS C 6 7.17 17.98 -16.96
N GLU C 7 8.45 17.68 -16.73
CA GLU C 7 9.00 16.38 -17.10
C GLU C 7 8.30 15.28 -16.32
N TYR C 8 8.04 15.53 -15.04
CA TYR C 8 7.41 14.54 -14.20
C TYR C 8 6.01 14.30 -14.63
N LYS C 9 5.30 15.40 -14.89
CA LYS C 9 3.91 15.26 -15.30
C LYS C 9 3.78 14.48 -16.61
N GLU C 10 4.64 14.80 -17.59
CA GLU C 10 4.54 14.10 -18.88
C GLU C 10 4.92 12.63 -18.73
N LYS C 11 5.95 12.32 -17.95
CA LYS C 11 6.31 10.93 -17.71
C LYS C 11 5.17 10.18 -17.02
N LEU C 12 4.62 10.79 -15.96
CA LEU C 12 3.52 10.16 -15.24
C LEU C 12 2.32 9.92 -16.15
N LEU C 13 2.01 10.89 -17.02
CA LEU C 13 0.86 10.76 -17.91
C LEU C 13 1.08 9.66 -18.94
N SER C 14 2.27 9.61 -19.56
CA SER C 14 2.53 8.57 -20.54
C SER C 14 2.47 7.18 -19.91
N THR C 15 3.12 7.01 -18.76
CA THR C 15 3.09 5.71 -18.10
C THR C 15 1.68 5.34 -17.64
N LEU C 16 0.90 6.33 -17.18
CA LEU C 16 -0.48 6.06 -16.80
C LEU C 16 -1.31 5.63 -17.99
N GLY C 17 -1.10 6.27 -19.15
CA GLY C 17 -1.83 5.87 -20.35
C GLY C 17 -1.48 4.45 -20.77
N GLU C 18 -0.20 4.10 -20.70
CA GLU C 18 0.21 2.73 -21.05
C GLU C 18 -0.39 1.73 -20.07
N PHE C 19 -0.38 2.06 -18.78
CA PHE C 19 -0.98 1.18 -17.78
C PHE C 19 -2.48 1.01 -18.02
N LEU C 20 -3.16 2.04 -18.45
CA LEU C 20 -4.60 1.94 -18.65
C LEU C 20 -4.91 1.06 -19.83
N GLU C 21 -4.19 1.26 -20.90
CA GLU C 21 -4.37 0.42 -22.07
C GLU C 21 -3.99 -1.03 -21.81
N ASP C 22 -3.03 -1.25 -20.92
CA ASP C 22 -2.62 -2.62 -20.64
C ASP C 22 -3.54 -3.33 -19.66
N HIS C 23 -4.22 -2.60 -18.77
CA HIS C 23 -5.00 -3.23 -17.71
C HIS C 23 -6.49 -2.89 -17.72
N PHE C 24 -6.92 -1.89 -18.47
CA PHE C 24 -8.33 -1.53 -18.56
C PHE C 24 -8.70 -1.27 -20.02
N PRO C 25 -8.76 -2.32 -20.83
CA PRO C 25 -9.09 -2.13 -22.25
C PRO C 25 -10.60 -2.17 -22.49
N LEU C 26 -10.99 -1.57 -23.62
CA LEU C 26 -12.38 -1.63 -24.06
C LEU C 26 -12.75 -3.06 -24.44
N PRO C 27 -14.04 -3.38 -24.47
CA PRO C 27 -14.44 -4.74 -24.87
C PRO C 27 -13.93 -5.15 -26.24
N ASP C 28 -14.12 -4.30 -27.25
CA ASP C 28 -13.68 -4.61 -28.60
C ASP C 28 -12.78 -3.51 -29.16
N VAL C 43 -23.29 1.34 -29.76
CA VAL C 43 -22.89 2.74 -29.61
C VAL C 43 -21.37 2.87 -29.68
N ASN C 44 -20.89 4.12 -29.64
CA ASN C 44 -19.47 4.42 -29.75
C ASN C 44 -18.94 4.77 -28.37
N LEU C 45 -18.16 3.87 -27.79
CA LEU C 45 -17.56 4.08 -26.48
C LEU C 45 -16.25 4.85 -26.60
N ILE C 46 -15.93 5.61 -25.56
CA ILE C 46 -14.67 6.32 -25.48
C ILE C 46 -13.75 5.56 -24.54
N THR C 47 -12.44 5.79 -24.70
CA THR C 47 -11.46 5.15 -23.84
C THR C 47 -11.55 5.72 -22.42
N LEU C 48 -11.08 4.92 -21.46
CA LEU C 48 -10.99 5.41 -20.09
C LEU C 48 -10.04 6.60 -19.98
N HIS C 49 -9.06 6.66 -20.87
CA HIS C 49 -8.14 7.81 -20.89
C HIS C 49 -8.89 9.09 -21.23
N GLU C 50 -9.75 9.05 -22.24
CA GLU C 50 -10.54 10.23 -22.60
C GLU C 50 -11.50 10.61 -21.48
N MET C 51 -12.06 9.62 -20.79
CA MET C 51 -12.97 9.90 -19.68
C MET C 51 -12.23 10.60 -18.53
N LEU C 52 -11.06 10.08 -18.17
CA LEU C 52 -10.25 10.72 -17.15
C LEU C 52 -9.82 12.12 -17.58
N GLU C 53 -9.53 12.30 -18.87
CA GLU C 53 -9.15 13.62 -19.37
C GLU C 53 -10.32 14.60 -19.23
N ILE C 54 -11.53 14.17 -19.58
CA ILE C 54 -12.70 15.03 -19.44
C ILE C 54 -12.91 15.39 -17.98
N LEU C 55 -12.79 14.42 -17.09
CA LEU C 55 -12.98 14.68 -15.66
C LEU C 55 -11.95 15.69 -15.14
N ILE C 56 -10.67 15.47 -15.48
CA ILE C 56 -9.62 16.36 -15.00
C ILE C 56 -9.79 17.77 -15.58
N ASN C 57 -10.19 17.86 -16.86
CA ASN C 57 -10.38 19.16 -17.47
C ASN C 57 -11.53 19.91 -16.83
N ARG C 58 -12.66 19.24 -16.55
CA ARG C 58 -13.78 19.92 -15.94
C ARG C 58 -13.50 20.27 -14.48
N LEU C 59 -12.64 19.51 -13.81
CA LEU C 59 -12.34 19.79 -12.41
C LEU C 59 -11.67 21.15 -12.26
N PHE C 60 -10.83 21.54 -13.21
CA PHE C 60 -10.08 22.78 -13.11
C PHE C 60 -10.63 23.90 -13.99
N ASP C 61 -11.38 23.58 -15.05
CA ASP C 61 -11.99 24.63 -15.85
C ASP C 61 -13.19 25.24 -15.14
N VAL C 62 -14.03 24.41 -14.53
CA VAL C 62 -15.16 24.88 -13.75
C VAL C 62 -15.00 24.41 -12.31
N PRO C 63 -14.21 25.11 -11.49
CA PRO C 63 -14.03 24.68 -10.09
C PRO C 63 -15.29 24.80 -9.26
N HIS C 64 -16.32 25.50 -9.74
CA HIS C 64 -17.57 25.67 -9.03
C HIS C 64 -18.64 24.68 -9.45
N ASP C 65 -18.42 23.95 -10.54
CA ASP C 65 -19.35 22.91 -10.98
C ASP C 65 -18.57 21.89 -11.79
N PRO C 66 -17.80 21.02 -11.12
CA PRO C 66 -16.97 20.05 -11.82
C PRO C 66 -17.70 18.80 -12.28
N TYR C 67 -19.03 18.80 -12.27
CA TYR C 67 -19.79 17.62 -12.65
C TYR C 67 -19.97 17.56 -14.17
N VAL C 68 -19.75 16.38 -14.73
CA VAL C 68 -19.93 16.11 -16.15
C VAL C 68 -21.05 15.08 -16.30
N LYS C 69 -21.91 15.27 -17.30
CA LYS C 69 -23.03 14.38 -17.50
C LYS C 69 -22.55 13.05 -18.08
N ILE C 70 -23.16 11.96 -17.62
CA ILE C 70 -22.82 10.62 -18.09
C ILE C 70 -23.62 10.33 -19.36
N SER C 71 -22.92 10.18 -20.48
CA SER C 71 -23.55 9.91 -21.76
C SER C 71 -23.51 8.41 -22.04
N ASP C 72 -23.98 8.03 -23.23
CA ASP C 72 -23.96 6.62 -23.61
C ASP C 72 -22.55 6.16 -24.00
N SER C 73 -21.64 7.09 -24.27
CA SER C 73 -20.26 6.75 -24.60
C SER C 73 -19.44 6.36 -23.38
N PHE C 74 -19.95 6.58 -22.17
CA PHE C 74 -19.25 6.19 -20.95
C PHE C 74 -19.59 4.73 -20.65
N TRP C 75 -18.59 3.86 -20.75
CA TRP C 75 -18.79 2.46 -20.42
C TRP C 75 -19.14 2.34 -18.94
N PRO C 76 -20.30 1.79 -18.59
CA PRO C 76 -20.72 1.73 -17.18
C PRO C 76 -19.70 1.02 -16.30
N PRO C 77 -19.03 -0.05 -16.77
CA PRO C 77 -17.93 -0.59 -15.96
C PRO C 77 -16.85 0.42 -15.62
N TYR C 78 -16.51 1.32 -16.54
CA TYR C 78 -15.52 2.34 -16.24
C TYR C 78 -16.00 3.31 -15.16
N VAL C 79 -17.27 3.72 -15.24
CA VAL C 79 -17.83 4.62 -14.23
C VAL C 79 -17.84 3.94 -12.86
N GLU C 80 -18.28 2.68 -12.82
CA GLU C 80 -18.28 1.96 -11.55
C GLU C 80 -16.87 1.72 -11.02
N LEU C 81 -15.90 1.51 -11.91
CA LEU C 81 -14.52 1.37 -11.49
C LEU C 81 -14.00 2.66 -10.85
N LEU C 82 -14.27 3.80 -11.49
CA LEU C 82 -13.85 5.07 -10.93
C LEU C 82 -14.58 5.39 -9.63
N LEU C 83 -15.81 4.87 -9.48
CA LEU C 83 -16.56 5.12 -8.25
C LEU C 83 -16.05 4.25 -7.09
N ARG C 84 -15.74 2.98 -7.36
CA ARG C 84 -15.29 2.09 -6.29
C ARG C 84 -13.95 2.52 -5.72
N ASN C 85 -13.06 3.04 -6.57
CA ASN C 85 -11.69 3.37 -6.17
C ASN C 85 -11.54 4.81 -5.71
N GLY C 86 -12.63 5.45 -5.27
CA GLY C 86 -12.56 6.80 -4.77
C GLY C 86 -12.12 7.85 -5.76
N ILE C 87 -12.06 7.53 -7.05
CA ILE C 87 -11.58 8.52 -8.03
C ILE C 87 -12.71 9.44 -8.45
N ALA C 88 -13.87 8.87 -8.77
CA ALA C 88 -15.05 9.64 -9.15
C ALA C 88 -16.06 9.63 -8.01
N LEU C 89 -16.83 10.71 -7.94
CA LEU C 89 -17.87 10.88 -6.91
C LEU C 89 -19.19 11.21 -7.59
N ARG C 90 -20.27 10.69 -7.03
CA ARG C 90 -21.60 10.90 -7.58
C ARG C 90 -22.21 12.19 -7.05
N HIS C 91 -23.03 12.83 -7.89
CA HIS C 91 -23.75 14.02 -7.46
C HIS C 91 -24.79 13.64 -6.42
N PRO C 92 -24.99 14.47 -5.38
CA PRO C 92 -25.92 14.09 -4.30
C PRO C 92 -27.35 13.84 -4.78
N GLU C 93 -27.78 14.49 -5.85
CA GLU C 93 -29.15 14.34 -6.34
C GLU C 93 -29.24 13.87 -7.77
N ASP C 94 -28.35 14.34 -8.65
CA ASP C 94 -28.42 14.01 -10.06
C ASP C 94 -27.61 12.76 -10.35
N PRO C 95 -28.23 11.63 -10.70
CA PRO C 95 -27.44 10.41 -10.98
C PRO C 95 -26.65 10.49 -12.27
N THR C 96 -27.07 11.32 -13.23
CA THR C 96 -26.39 11.41 -14.52
C THR C 96 -25.09 12.18 -14.48
N ARG C 97 -24.68 12.69 -13.32
CA ARG C 97 -23.50 13.52 -13.20
C ARG C 97 -22.51 12.92 -12.20
N ILE C 98 -21.22 12.94 -12.57
CA ILE C 98 -20.14 12.54 -11.69
C ILE C 98 -19.06 13.60 -11.76
N ARG C 99 -18.29 13.72 -10.67
CA ARG C 99 -17.18 14.65 -10.58
C ARG C 99 -15.92 13.89 -10.20
N LEU C 100 -14.79 14.57 -10.31
CA LEU C 100 -13.51 14.01 -9.93
C LEU C 100 -13.15 14.44 -8.51
N GLU C 101 -12.63 13.49 -7.73
CA GLU C 101 -12.21 13.79 -6.37
C GLU C 101 -11.05 14.79 -6.39
N ALA C 102 -11.23 15.91 -5.70
CA ALA C 102 -10.22 16.97 -5.65
C ALA C 102 -9.11 16.52 -4.71
N PHE C 103 -8.14 15.81 -5.27
CA PHE C 103 -7.00 15.33 -4.48
C PHE C 103 -6.02 16.43 -4.14
N HIS C 104 -6.04 17.55 -4.88
CA HIS C 104 -5.12 18.65 -4.63
C HIS C 104 -5.55 19.51 -3.45
N GLN C 105 -6.64 19.18 -2.78
CA GLN C 105 -7.12 19.98 -1.66
C GLN C 105 -7.96 19.13 -0.71
#